data_4MHV
#
_entry.id   4MHV
#
_cell.length_a   64.440
_cell.length_b   64.440
_cell.length_c   263.710
_cell.angle_alpha   90.00
_cell.angle_beta   90.00
_cell.angle_gamma   120.00
#
_symmetry.space_group_name_H-M   'P 61 2 2'
#
loop_
_entity.id
_entity.type
_entity.pdbx_description
1 polymer 'Protein C-ets-2'
2 non-polymer 'CALCIUM ION'
3 non-polymer GLYCEROL
4 non-polymer 'ACETATE ION'
5 water water
#
_entity_poly.entity_id   1
_entity_poly.type   'polypeptide(L)'
_entity_poly.pdbx_seq_one_letter_code
;SMKAVMSQALKATFSGFKKEQRRLGIPKNPWLWSEQQVCQWLLWATNEFSLVNVNLQRFGMNGQMLCNLGKERFLELAPD
FVGDILWEHLEQMIKEN
;
_entity_poly.pdbx_strand_id   A,B
#
loop_
_chem_comp.id
_chem_comp.type
_chem_comp.name
_chem_comp.formula
ACT non-polymer 'ACETATE ION' 'C2 H3 O2 -1'
CA non-polymer 'CALCIUM ION' 'Ca 2'
GOL non-polymer GLYCEROL 'C3 H8 O3'
#
# COMPACT_ATOMS: atom_id res chain seq x y z
N ALA A 4 -6.43 -19.55 16.29
CA ALA A 4 -7.03 -20.88 16.46
C ALA A 4 -8.27 -21.05 15.56
N VAL A 5 -9.44 -20.52 16.00
CA VAL A 5 -10.69 -20.56 15.23
C VAL A 5 -10.68 -19.36 14.26
N MET A 6 -10.23 -18.19 14.76
CA MET A 6 -10.08 -16.96 13.99
C MET A 6 -9.01 -17.16 12.95
N SER A 7 -7.86 -17.74 13.32
CA SER A 7 -6.75 -18.00 12.40
C SER A 7 -7.13 -18.95 11.26
N GLN A 8 -7.92 -19.99 11.57
CA GLN A 8 -8.41 -20.97 10.60
C GLN A 8 -9.35 -20.31 9.58
N ALA A 9 -10.31 -19.55 10.08
CA ALA A 9 -11.30 -18.85 9.28
C ALA A 9 -10.71 -17.80 8.32
N LEU A 10 -9.76 -16.99 8.83
CA LEU A 10 -9.12 -15.93 8.08
C LEU A 10 -8.11 -16.46 7.09
N LYS A 11 -7.66 -17.73 7.28
CA LYS A 11 -6.73 -18.42 6.38
C LYS A 11 -7.36 -18.64 5.03
N ALA A 12 -8.70 -18.76 4.95
CA ALA A 12 -9.42 -18.93 3.68
C ALA A 12 -9.24 -17.74 2.71
N THR A 13 -9.13 -16.48 3.20
CA THR A 13 -8.95 -15.27 2.38
C THR A 13 -7.55 -15.17 1.78
N PHE A 14 -6.57 -15.91 2.35
CA PHE A 14 -5.17 -15.96 1.85
C PHE A 14 -5.09 -16.44 0.42
N SER A 15 -6.07 -17.27 -0.03
CA SER A 15 -6.24 -17.75 -1.41
C SER A 15 -6.30 -16.56 -2.38
N GLY A 16 -6.87 -15.44 -1.91
CA GLY A 16 -7.02 -14.18 -2.63
C GLY A 16 -5.72 -13.60 -3.13
N PHE A 17 -4.64 -13.78 -2.37
CA PHE A 17 -3.33 -13.27 -2.73
C PHE A 17 -2.77 -13.91 -4.00
N LYS A 18 -3.19 -15.16 -4.32
CA LYS A 18 -2.77 -15.87 -5.54
C LYS A 18 -3.17 -15.10 -6.80
N LYS A 19 -4.36 -14.45 -6.81
CA LYS A 19 -4.86 -13.61 -7.91
C LYS A 19 -3.99 -12.35 -8.02
N GLU A 20 -3.57 -11.79 -6.86
CA GLU A 20 -2.68 -10.62 -6.77
C GLU A 20 -1.27 -10.93 -7.28
N GLN A 21 -0.76 -12.17 -7.03
CA GLN A 21 0.57 -12.63 -7.47
C GLN A 21 0.62 -12.72 -8.98
N ARG A 22 -0.44 -13.27 -9.62
CA ARG A 22 -0.55 -13.36 -11.09
C ARG A 22 -0.61 -11.93 -11.66
N ARG A 23 -1.39 -11.05 -11.02
CA ARG A 23 -1.62 -9.65 -11.38
C ARG A 23 -0.31 -8.84 -11.47
N LEU A 24 0.46 -8.81 -10.36
CA LEU A 24 1.70 -8.03 -10.21
C LEU A 24 2.99 -8.79 -10.54
N GLY A 25 2.84 -9.97 -11.14
CA GLY A 25 3.97 -10.82 -11.50
C GLY A 25 4.83 -11.23 -10.31
N ILE A 26 4.21 -11.43 -9.14
CA ILE A 26 4.91 -11.85 -7.93
C ILE A 26 5.11 -13.37 -8.02
N PRO A 27 6.35 -13.90 -7.87
CA PRO A 27 6.52 -15.37 -7.90
C PRO A 27 5.79 -16.06 -6.75
N LYS A 28 5.37 -17.30 -6.99
CA LYS A 28 4.62 -18.10 -6.02
C LYS A 28 5.47 -18.36 -4.76
N ASN A 29 6.77 -18.60 -4.95
CA ASN A 29 7.75 -18.87 -3.90
C ASN A 29 8.35 -17.56 -3.35
N PRO A 30 8.13 -17.25 -2.05
CA PRO A 30 8.63 -15.99 -1.49
C PRO A 30 10.16 -15.84 -1.46
N TRP A 31 10.91 -16.95 -1.55
CA TRP A 31 12.39 -16.93 -1.55
C TRP A 31 12.89 -16.08 -2.73
N LEU A 32 12.13 -16.11 -3.81
CA LEU A 32 12.41 -15.43 -5.06
C LEU A 32 12.07 -13.96 -5.09
N TRP A 33 11.28 -13.45 -4.13
CA TRP A 33 10.80 -12.07 -4.10
C TRP A 33 11.84 -10.96 -4.00
N SER A 34 11.59 -9.87 -4.76
CA SER A 34 12.37 -8.63 -4.71
C SER A 34 11.89 -7.85 -3.46
N GLU A 35 12.61 -6.77 -3.09
CA GLU A 35 12.26 -5.89 -1.98
C GLU A 35 10.87 -5.24 -2.29
N GLN A 36 10.56 -5.02 -3.59
CA GLN A 36 9.29 -4.42 -4.06
C GLN A 36 8.14 -5.41 -3.92
N GLN A 37 8.40 -6.71 -4.22
CA GLN A 37 7.39 -7.77 -4.10
C GLN A 37 7.05 -8.06 -2.63
N VAL A 38 8.02 -7.86 -1.72
CA VAL A 38 7.76 -7.97 -0.27
C VAL A 38 6.78 -6.81 0.10
N CYS A 39 7.08 -5.57 -0.36
CA CYS A 39 6.24 -4.39 -0.16
C CYS A 39 4.82 -4.63 -0.73
N GLN A 40 4.72 -5.19 -1.95
CA GLN A 40 3.46 -5.51 -2.61
C GLN A 40 2.59 -6.44 -1.78
N TRP A 41 3.19 -7.52 -1.20
CA TRP A 41 2.49 -8.47 -0.33
C TRP A 41 1.89 -7.73 0.87
N LEU A 42 2.70 -6.88 1.51
CA LEU A 42 2.26 -6.07 2.65
C LEU A 42 1.20 -5.03 2.29
N LEU A 43 1.21 -4.54 1.04
CA LEU A 43 0.19 -3.57 0.59
C LEU A 43 -1.12 -4.28 0.33
N TRP A 44 -1.07 -5.54 -0.19
CA TRP A 44 -2.26 -6.36 -0.45
C TRP A 44 -2.99 -6.59 0.89
N ALA A 45 -2.22 -6.94 1.93
CA ALA A 45 -2.72 -7.20 3.27
C ALA A 45 -3.27 -5.92 3.92
N THR A 46 -2.59 -4.77 3.72
CA THR A 46 -3.04 -3.45 4.24
C THR A 46 -4.47 -3.15 3.69
N ASN A 47 -4.68 -3.41 2.40
CA ASN A 47 -5.99 -3.20 1.82
C ASN A 47 -7.02 -4.25 2.26
N GLU A 48 -6.66 -5.55 2.14
CA GLU A 48 -7.47 -6.72 2.46
C GLU A 48 -8.01 -6.72 3.89
N PHE A 49 -7.17 -6.33 4.86
CA PHE A 49 -7.50 -6.36 6.27
C PHE A 49 -7.59 -4.96 6.89
N SER A 50 -7.65 -3.91 6.05
CA SER A 50 -7.79 -2.49 6.43
C SER A 50 -6.81 -2.06 7.51
N LEU A 51 -5.53 -2.00 7.16
CA LEU A 51 -4.47 -1.62 8.10
C LEU A 51 -4.03 -0.18 7.90
N VAL A 52 -3.43 0.41 8.94
CA VAL A 52 -2.97 1.80 8.88
C VAL A 52 -1.48 1.87 9.21
N ASN A 53 -0.90 0.75 9.71
CA ASN A 53 0.51 0.73 9.99
C ASN A 53 1.12 -0.63 9.95
N VAL A 54 1.45 -1.06 8.75
CA VAL A 54 2.30 -2.21 8.61
C VAL A 54 3.62 -1.43 8.62
N ASN A 55 4.60 -1.93 9.39
CA ASN A 55 5.88 -1.25 9.52
C ASN A 55 6.67 -1.45 8.22
N LEU A 56 6.23 -0.79 7.12
CA LEU A 56 6.85 -0.89 5.80
C LEU A 56 8.35 -0.57 5.80
N GLN A 57 8.78 0.40 6.61
CA GLN A 57 10.20 0.76 6.74
C GLN A 57 11.01 -0.38 7.36
N ARG A 58 10.37 -1.24 8.18
CA ARG A 58 11.01 -2.39 8.84
C ARG A 58 11.13 -3.62 7.91
N PHE A 59 10.43 -3.58 6.77
CA PHE A 59 10.41 -4.67 5.77
C PHE A 59 11.05 -4.25 4.43
N GLY A 60 12.08 -3.41 4.50
CA GLY A 60 12.86 -3.00 3.34
C GLY A 60 13.88 -4.08 3.07
N MET A 61 13.38 -5.25 2.63
CA MET A 61 14.20 -6.44 2.41
C MET A 61 13.69 -7.32 1.29
N ASN A 62 14.57 -8.16 0.78
CA ASN A 62 14.40 -9.19 -0.23
C ASN A 62 13.53 -10.31 0.39
N GLY A 63 12.99 -11.19 -0.45
CA GLY A 63 12.25 -12.37 -0.03
C GLY A 63 13.14 -13.39 0.66
N GLN A 64 14.46 -13.33 0.44
CA GLN A 64 15.41 -14.23 1.10
C GLN A 64 15.53 -13.88 2.57
N MET A 65 15.59 -12.58 2.88
CA MET A 65 15.67 -12.05 4.25
C MET A 65 14.38 -12.31 5.00
N LEU A 66 13.23 -12.09 4.31
CA LEU A 66 11.87 -12.32 4.82
C LEU A 66 11.73 -13.77 5.23
N CYS A 67 12.12 -14.70 4.34
CA CYS A 67 12.12 -16.15 4.61
C CYS A 67 13.06 -16.55 5.73
N ASN A 68 14.15 -15.78 5.90
CA ASN A 68 15.18 -16.07 6.91
C ASN A 68 14.82 -15.57 8.32
N LEU A 69 13.81 -14.70 8.46
CA LEU A 69 13.34 -14.22 9.76
C LEU A 69 12.47 -15.37 10.25
N GLY A 70 12.55 -15.64 11.52
CA GLY A 70 11.69 -16.64 12.14
C GLY A 70 10.44 -15.96 12.68
N LYS A 71 9.52 -16.74 13.29
CA LYS A 71 8.27 -16.24 13.85
C LYS A 71 8.54 -15.07 14.82
N GLU A 72 9.52 -15.25 15.73
CA GLU A 72 9.91 -14.29 16.76
C GLU A 72 10.31 -12.92 16.18
N ARG A 73 11.29 -12.89 15.24
CA ARG A 73 11.69 -11.60 14.69
C ARG A 73 10.56 -10.96 13.87
N PHE A 74 9.84 -11.77 13.06
CA PHE A 74 8.73 -11.29 12.26
C PHE A 74 7.69 -10.54 13.10
N LEU A 75 7.23 -11.15 14.21
CA LEU A 75 6.19 -10.59 15.09
C LEU A 75 6.59 -9.30 15.80
N GLU A 76 7.89 -9.12 16.10
CA GLU A 76 8.39 -7.89 16.73
C GLU A 76 8.22 -6.73 15.73
N LEU A 77 8.67 -6.97 14.47
CA LEU A 77 8.63 -6.05 13.33
C LEU A 77 7.22 -5.68 12.86
N ALA A 78 6.34 -6.69 12.73
CA ALA A 78 4.96 -6.52 12.28
C ALA A 78 4.07 -5.99 13.39
N PRO A 79 2.90 -5.35 13.07
CA PRO A 79 2.05 -4.81 14.15
C PRO A 79 1.29 -5.90 14.91
N ASP A 80 0.89 -5.58 16.15
CA ASP A 80 0.19 -6.48 17.06
C ASP A 80 -1.08 -7.06 16.41
N PHE A 81 -1.29 -8.39 16.62
CA PHE A 81 -2.36 -9.25 16.08
C PHE A 81 -2.24 -9.47 14.57
N VAL A 82 -1.95 -8.39 13.83
CA VAL A 82 -1.76 -8.37 12.38
C VAL A 82 -0.57 -9.24 12.01
N GLY A 83 0.52 -9.12 12.79
CA GLY A 83 1.73 -9.92 12.62
C GLY A 83 1.44 -11.40 12.63
N ASP A 84 0.53 -11.85 13.52
CA ASP A 84 0.10 -13.25 13.65
C ASP A 84 -0.61 -13.69 12.38
N ILE A 85 -1.46 -12.81 11.80
CA ILE A 85 -2.17 -13.05 10.55
C ILE A 85 -1.14 -13.17 9.40
N LEU A 86 -0.23 -12.17 9.25
CA LEU A 86 0.78 -12.14 8.20
C LEU A 86 1.73 -13.33 8.26
N TRP A 87 2.14 -13.70 9.48
CA TRP A 87 3.02 -14.85 9.70
C TRP A 87 2.41 -16.16 9.21
N GLU A 88 1.11 -16.35 9.47
CA GLU A 88 0.32 -17.53 9.07
C GLU A 88 0.30 -17.67 7.56
N HIS A 89 0.17 -16.55 6.86
CA HIS A 89 0.18 -16.46 5.40
C HIS A 89 1.56 -16.73 4.87
N LEU A 90 2.58 -16.02 5.40
CA LEU A 90 3.96 -16.18 4.98
C LEU A 90 4.44 -17.63 5.17
N GLU A 91 4.21 -18.22 6.34
CA GLU A 91 4.67 -19.58 6.58
C GLU A 91 3.96 -20.61 5.71
N GLN A 92 2.68 -20.36 5.36
CA GLN A 92 1.95 -21.25 4.47
C GLN A 92 2.54 -21.18 3.06
N MET A 93 2.88 -19.97 2.58
CA MET A 93 3.46 -19.76 1.25
C MET A 93 4.84 -20.38 1.14
N ILE A 94 5.64 -20.32 2.22
CA ILE A 94 7.00 -20.90 2.22
C ILE A 94 6.88 -22.41 2.20
N LYS A 95 5.95 -22.96 2.99
CA LYS A 95 5.76 -24.40 3.13
C LYS A 95 5.21 -25.01 1.85
N GLU A 96 4.19 -24.37 1.26
CA GLU A 96 3.50 -24.90 0.10
C GLU A 96 4.11 -24.48 -1.21
N ASN A 97 4.60 -23.26 -1.39
CA ASN A 97 5.17 -22.91 -2.70
C ASN A 97 6.52 -22.25 -2.57
N MET B 2 15.92 23.33 -16.79
CA MET B 2 16.07 22.88 -15.41
C MET B 2 15.67 21.40 -15.30
N LYS B 3 15.52 20.91 -14.05
CA LYS B 3 14.94 19.60 -13.72
C LYS B 3 13.46 19.83 -13.26
N ALA B 4 12.76 20.54 -14.18
CA ALA B 4 11.35 20.82 -14.29
C ALA B 4 10.92 19.67 -15.20
N VAL B 5 11.93 19.13 -15.95
CA VAL B 5 11.85 17.94 -16.80
C VAL B 5 11.45 16.77 -15.90
N MET B 6 12.04 16.68 -14.69
CA MET B 6 11.72 15.65 -13.71
C MET B 6 10.28 15.81 -13.21
N SER B 7 9.89 17.06 -12.89
CA SER B 7 8.53 17.36 -12.42
C SER B 7 7.46 17.03 -13.47
N GLN B 8 7.74 17.35 -14.74
CA GLN B 8 6.85 17.09 -15.88
C GLN B 8 6.67 15.59 -16.09
N ALA B 9 7.77 14.84 -16.08
CA ALA B 9 7.83 13.39 -16.27
C ALA B 9 7.10 12.63 -15.18
N LEU B 10 7.27 13.03 -13.92
CA LEU B 10 6.59 12.36 -12.83
C LEU B 10 5.08 12.64 -12.83
N LYS B 11 4.67 13.84 -13.25
CA LYS B 11 3.27 14.20 -13.34
C LYS B 11 2.53 13.40 -14.44
N ALA B 12 3.22 13.07 -15.52
CA ALA B 12 2.65 12.32 -16.62
C ALA B 12 2.29 10.89 -16.20
N THR B 13 2.99 10.34 -15.14
CA THR B 13 2.81 8.98 -14.63
C THR B 13 1.54 8.85 -13.76
N PHE B 14 0.94 10.00 -13.34
CA PHE B 14 -0.31 10.12 -12.58
C PHE B 14 -1.49 9.55 -13.37
N SER B 15 -1.37 9.54 -14.72
CA SER B 15 -2.35 8.95 -15.67
C SER B 15 -2.62 7.47 -15.29
N GLY B 16 -1.57 6.79 -14.79
CA GLY B 16 -1.62 5.39 -14.38
C GLY B 16 -2.67 5.06 -13.34
N PHE B 17 -2.96 6.04 -12.46
CA PHE B 17 -3.95 5.86 -11.40
C PHE B 17 -5.36 5.67 -11.95
N LYS B 18 -5.65 6.19 -13.16
CA LYS B 18 -6.97 6.06 -13.81
C LYS B 18 -7.33 4.58 -14.05
N LYS B 19 -6.33 3.74 -14.41
CA LYS B 19 -6.47 2.29 -14.60
C LYS B 19 -6.79 1.62 -13.24
N GLU B 20 -6.14 2.10 -12.17
CA GLU B 20 -6.32 1.64 -10.79
C GLU B 20 -7.73 1.99 -10.26
N GLN B 21 -8.26 3.17 -10.63
CA GLN B 21 -9.59 3.64 -10.22
C GLN B 21 -10.68 2.77 -10.81
N ARG B 22 -10.55 2.39 -12.11
CA ARG B 22 -11.48 1.48 -12.79
C ARG B 22 -11.42 0.10 -12.11
N ARG B 23 -10.19 -0.36 -11.81
CA ARG B 23 -9.87 -1.65 -11.17
C ARG B 23 -10.57 -1.83 -9.82
N LEU B 24 -10.34 -0.88 -8.87
CA LEU B 24 -10.85 -0.94 -7.48
C LEU B 24 -12.17 -0.20 -7.26
N GLY B 25 -12.82 0.20 -8.35
CA GLY B 25 -14.09 0.93 -8.30
C GLY B 25 -13.99 2.24 -7.54
N ILE B 26 -12.83 2.92 -7.65
CA ILE B 26 -12.61 4.21 -7.02
C ILE B 26 -13.26 5.28 -7.92
N PRO B 27 -14.16 6.14 -7.40
CA PRO B 27 -14.73 7.19 -8.27
C PRO B 27 -13.67 8.16 -8.76
N LYS B 28 -13.90 8.73 -9.95
CA LYS B 28 -12.98 9.65 -10.62
C LYS B 28 -12.78 10.92 -9.76
N ASN B 29 -13.87 11.41 -9.14
CA ASN B 29 -13.89 12.60 -8.29
C ASN B 29 -13.55 12.23 -6.83
N PRO B 30 -12.45 12.79 -6.28
CA PRO B 30 -12.05 12.44 -4.90
C PRO B 30 -13.03 12.85 -3.80
N TRP B 31 -13.93 13.83 -4.08
CA TRP B 31 -14.94 14.29 -3.11
C TRP B 31 -15.82 13.12 -2.69
N LEU B 32 -16.01 12.17 -3.61
CA LEU B 32 -16.84 11.00 -3.43
C LEU B 32 -16.20 9.85 -2.67
N TRP B 33 -14.87 9.85 -2.48
CA TRP B 33 -14.12 8.76 -1.87
C TRP B 33 -14.44 8.39 -0.43
N SER B 34 -14.44 7.06 -0.14
CA SER B 34 -14.57 6.50 1.20
C SER B 34 -13.18 6.59 1.86
N GLU B 35 -13.09 6.30 3.17
CA GLU B 35 -11.84 6.30 3.93
C GLU B 35 -10.91 5.20 3.35
N GLN B 36 -11.49 4.09 2.81
CA GLN B 36 -10.75 2.97 2.20
C GLN B 36 -10.20 3.39 0.85
N GLN B 37 -10.97 4.14 0.05
CA GLN B 37 -10.53 4.63 -1.27
C GLN B 37 -9.40 5.67 -1.14
N VAL B 38 -9.38 6.44 -0.03
CA VAL B 38 -8.29 7.36 0.27
C VAL B 38 -7.03 6.47 0.51
N CYS B 39 -7.14 5.41 1.34
CA CYS B 39 -6.09 4.43 1.63
C CYS B 39 -5.57 3.78 0.33
N GLN B 40 -6.49 3.34 -0.55
CA GLN B 40 -6.18 2.73 -1.85
C GLN B 40 -5.32 3.64 -2.72
N TRP B 41 -5.66 4.95 -2.81
CA TRP B 41 -4.90 5.95 -3.55
C TRP B 41 -3.47 6.02 -3.03
N LEU B 42 -3.32 6.10 -1.71
CA LEU B 42 -2.02 6.13 -1.05
C LEU B 42 -1.21 4.84 -1.25
N LEU B 43 -1.90 3.69 -1.37
CA LEU B 43 -1.22 2.40 -1.57
C LEU B 43 -0.72 2.30 -3.00
N TRP B 44 -1.50 2.84 -3.97
CA TRP B 44 -1.11 2.84 -5.38
C TRP B 44 0.18 3.63 -5.55
N ALA B 45 0.20 4.83 -4.97
CA ALA B 45 1.32 5.76 -4.99
C ALA B 45 2.56 5.17 -4.30
N THR B 46 2.38 4.46 -3.13
CA THR B 46 3.45 3.78 -2.39
C THR B 46 4.15 2.79 -3.33
N ASN B 47 3.37 2.00 -4.08
CA ASN B 47 3.94 1.02 -4.98
C ASN B 47 4.60 1.67 -6.22
N GLU B 48 3.86 2.57 -6.89
CA GLU B 48 4.25 3.31 -8.09
C GLU B 48 5.55 4.07 -7.95
N PHE B 49 5.77 4.73 -6.81
CA PHE B 49 6.96 5.56 -6.60
C PHE B 49 7.90 5.01 -5.55
N SER B 50 7.65 3.76 -5.10
CA SER B 50 8.42 3.09 -4.04
C SER B 50 8.62 3.99 -2.83
N LEU B 51 7.51 4.56 -2.33
CA LEU B 51 7.47 5.41 -1.14
C LEU B 51 7.47 4.48 0.09
N VAL B 52 8.45 4.60 0.97
CA VAL B 52 8.51 3.65 2.09
C VAL B 52 7.66 4.14 3.30
N ASN B 53 7.70 5.46 3.54
CA ASN B 53 6.95 6.13 4.60
C ASN B 53 5.83 6.82 3.89
N VAL B 54 4.60 6.62 4.38
CA VAL B 54 3.41 7.20 3.74
C VAL B 54 2.56 7.94 4.73
N ASN B 55 2.61 7.50 6.02
CA ASN B 55 1.88 8.07 7.16
C ASN B 55 0.35 7.84 7.07
N LEU B 56 -0.05 6.63 6.66
CA LEU B 56 -1.41 6.11 6.49
C LEU B 56 -2.31 6.35 7.72
N GLN B 57 -1.68 6.35 8.91
CA GLN B 57 -2.32 6.60 10.21
C GLN B 57 -2.87 8.05 10.32
N ARG B 58 -2.35 8.98 9.49
CA ARG B 58 -2.71 10.40 9.44
C ARG B 58 -3.79 10.70 8.37
N PHE B 59 -4.08 9.70 7.50
CA PHE B 59 -5.06 9.81 6.42
C PHE B 59 -6.27 8.89 6.60
N GLY B 60 -6.68 8.70 7.86
CA GLY B 60 -7.87 7.93 8.22
C GLY B 60 -9.06 8.85 8.06
N MET B 61 -9.39 9.20 6.81
CA MET B 61 -10.45 10.14 6.49
C MET B 61 -11.11 9.85 5.15
N ASN B 62 -12.31 10.43 4.99
CA ASN B 62 -13.17 10.42 3.80
CA ASN B 62 -13.09 10.35 3.77
C ASN B 62 -12.52 11.33 2.73
N GLY B 63 -12.97 11.21 1.49
CA GLY B 63 -12.52 12.05 0.40
C GLY B 63 -12.96 13.50 0.57
N GLN B 64 -14.02 13.75 1.37
CA GLN B 64 -14.50 15.11 1.63
C GLN B 64 -13.50 15.86 2.51
N MET B 65 -12.96 15.18 3.54
CA MET B 65 -11.95 15.70 4.46
C MET B 65 -10.63 15.95 3.71
N LEU B 66 -10.24 14.99 2.85
CA LEU B 66 -9.03 15.03 2.03
C LEU B 66 -9.08 16.27 1.15
N CYS B 67 -10.21 16.47 0.44
CA CYS B 67 -10.45 17.63 -0.43
C CYS B 67 -10.49 18.94 0.35
N ASN B 68 -10.90 18.88 1.62
CA ASN B 68 -11.04 20.07 2.46
C ASN B 68 -9.75 20.52 3.14
N LEU B 69 -8.69 19.69 3.12
CA LEU B 69 -7.43 20.02 3.81
C LEU B 69 -6.66 21.30 3.37
N GLY B 70 -6.30 21.46 2.11
CA GLY B 70 -5.45 22.57 1.66
C GLY B 70 -4.01 22.07 1.59
N LYS B 71 -3.19 22.70 0.73
CA LYS B 71 -1.79 22.35 0.53
C LYS B 71 -1.03 22.27 1.86
N GLU B 72 -1.19 23.30 2.71
CA GLU B 72 -0.54 23.44 4.02
C GLU B 72 -0.80 22.27 4.96
N ARG B 73 -2.09 21.94 5.23
CA ARG B 73 -2.47 20.82 6.13
C ARG B 73 -2.11 19.46 5.55
N PHE B 74 -2.13 19.32 4.21
CA PHE B 74 -1.76 18.08 3.54
C PHE B 74 -0.28 17.77 3.75
N LEU B 75 0.60 18.77 3.49
CA LEU B 75 2.05 18.61 3.57
C LEU B 75 2.58 18.34 4.97
N GLU B 76 1.87 18.82 6.02
CA GLU B 76 2.30 18.52 7.38
C GLU B 76 2.05 17.05 7.70
N LEU B 77 0.88 16.52 7.28
CA LEU B 77 0.43 15.12 7.43
C LEU B 77 1.33 14.16 6.65
N ALA B 78 1.49 14.42 5.37
CA ALA B 78 2.28 13.60 4.46
C ALA B 78 3.79 13.73 4.75
N PRO B 79 4.66 12.72 4.45
CA PRO B 79 6.10 12.88 4.73
C PRO B 79 6.72 14.05 3.96
N ASP B 80 7.87 14.51 4.42
CA ASP B 80 8.58 15.60 3.74
C ASP B 80 9.00 15.14 2.36
N PHE B 81 8.80 16.01 1.36
CA PHE B 81 9.10 15.82 -0.07
C PHE B 81 8.07 14.93 -0.80
N VAL B 82 7.70 13.78 -0.18
CA VAL B 82 6.70 12.81 -0.70
C VAL B 82 5.35 13.50 -0.87
N GLY B 83 4.99 14.27 0.16
CA GLY B 83 3.79 15.08 0.23
C GLY B 83 3.61 15.97 -0.96
N ASP B 84 4.70 16.56 -1.47
CA ASP B 84 4.71 17.44 -2.64
C ASP B 84 4.27 16.65 -3.89
N ILE B 85 4.72 15.39 -4.04
CA ILE B 85 4.33 14.50 -5.14
C ILE B 85 2.82 14.20 -5.04
N LEU B 86 2.37 13.73 -3.87
CA LEU B 86 0.98 13.37 -3.61
C LEU B 86 0.02 14.54 -3.78
N TRP B 87 0.43 15.74 -3.30
CA TRP B 87 -0.36 16.95 -3.43
C TRP B 87 -0.61 17.32 -4.88
N GLU B 88 0.44 17.27 -5.74
CA GLU B 88 0.32 17.59 -7.16
C GLU B 88 -0.73 16.66 -7.84
N HIS B 89 -0.74 15.37 -7.45
CA HIS B 89 -1.68 14.40 -7.97
C HIS B 89 -3.08 14.68 -7.48
N LEU B 90 -3.25 14.86 -6.16
CA LEU B 90 -4.54 15.15 -5.55
C LEU B 90 -5.15 16.44 -6.13
N GLU B 91 -4.34 17.51 -6.19
CA GLU B 91 -4.72 18.81 -6.70
C GLU B 91 -5.25 18.64 -8.12
N GLN B 92 -4.52 17.91 -8.99
CA GLN B 92 -4.89 17.68 -10.41
C GLN B 92 -6.22 16.92 -10.49
N MET B 93 -6.37 15.91 -9.66
CA MET B 93 -7.56 15.08 -9.56
C MET B 93 -8.81 15.86 -9.17
N ILE B 94 -8.68 16.85 -8.27
CA ILE B 94 -9.79 17.71 -7.81
C ILE B 94 -10.10 18.76 -8.88
N LYS B 95 -9.05 19.30 -9.54
CA LYS B 95 -9.20 20.31 -10.58
C LYS B 95 -9.91 19.73 -11.82
N GLU B 96 -9.48 18.56 -12.27
CA GLU B 96 -10.04 17.89 -13.45
C GLU B 96 -11.10 16.90 -12.94
N ASN B 97 -11.95 16.25 -13.75
CA ASN B 97 -12.86 15.21 -13.19
C ASN B 97 -13.93 15.75 -12.17
CA CA C . 9.01 -23.60 -0.48
C1 GOL D . 0.62 -11.43 19.48
O1 GOL D . -0.32 -10.45 19.08
C2 GOL D . 1.75 -10.84 20.30
O2 GOL D . 2.58 -11.91 20.77
C3 GOL D . 2.57 -9.86 19.48
O3 GOL D . 3.91 -9.75 19.99
C ACT E . 2.09 1.87 4.70
O ACT E . 2.75 2.90 4.97
OXT ACT E . 1.86 0.89 5.50
CH3 ACT E . 1.51 1.78 3.27
C1 GOL F . -8.35 9.08 11.97
O1 GOL F . -7.20 9.89 12.23
C2 GOL F . -9.65 9.78 12.33
O2 GOL F . -9.87 10.92 11.47
C3 GOL F . -10.85 8.86 12.30
O3 GOL F . -11.39 8.69 11.00
C1 GOL G . -0.02 -0.20 -7.83
O1 GOL G . -0.12 -0.34 -9.24
C2 GOL G . -1.16 -0.88 -7.10
O2 GOL G . -1.51 -2.11 -7.75
C3 GOL G . -0.77 -1.16 -5.67
O3 GOL G . -1.81 -1.81 -4.96
C ACT H . -4.53 -3.58 -3.64
O ACT H . -4.34 -4.58 -2.90
OXT ACT H . -4.83 -3.64 -4.85
CH3 ACT H . -4.40 -2.18 -3.00
#